data_7LEW
#
_entry.id   7LEW
#
_cell.length_a   49.739
_cell.length_b   58.226
_cell.length_c   63.392
_cell.angle_alpha   90.000
_cell.angle_beta   90.000
_cell.angle_gamma   90.000
#
_symmetry.space_group_name_H-M   'P 21 21 21'
#
loop_
_entity.id
_entity.type
_entity.pdbx_description
1 polymer 'Ubiquitin-conjugating enzyme E2 G2'
2 polymer 'Lipid droplet-regulating VLDL assembly factor AUP1'
3 water water
#
loop_
_entity_poly.entity_id
_entity_poly.type
_entity_poly.pdbx_seq_one_letter_code
_entity_poly.pdbx_strand_id
1 'polypeptide(L)'
;MAGTALKRLMAEYKQLTLNPPEGIVAGPMNEENFFEWEALIMGPEDTCFEFGVFPAILSFPLDYPLSPPKMRFTCEMFHP
NIYPDGRVCISILHAPGDDPMGYESSAERWSPVQSVEKILLSVVSMLAEPNDESGANVDASKMWRDDREQFYKIAKQIVQ
KSLGL
;
A
2 'polypeptide(L)' GPSWARQESLQERKQALYEYARRRFTERRAQEAD B
#
# COMPACT_ATOMS: atom_id res chain seq x y z
N ALA A 2 22.16 -4.46 16.16
CA ALA A 2 21.20 -3.63 15.44
C ALA A 2 21.81 -2.30 15.06
N GLY A 3 21.66 -1.91 13.80
CA GLY A 3 22.04 -0.59 13.34
C GLY A 3 20.88 0.39 13.39
N THR A 4 21.12 1.54 12.79
CA THR A 4 20.15 2.62 12.88
C THR A 4 18.89 2.29 12.08
N ALA A 5 19.06 1.72 10.89
CA ALA A 5 17.91 1.34 10.08
C ALA A 5 17.06 0.31 10.80
N LEU A 6 17.70 -0.70 11.37
CA LEU A 6 16.95 -1.80 11.98
C LEU A 6 16.15 -1.29 13.17
N LYS A 7 16.78 -0.49 14.05
CA LYS A 7 16.09 0.05 15.22
C LYS A 7 14.91 0.92 14.79
N ARG A 8 15.10 1.71 13.76
CA ARG A 8 14.02 2.56 13.29
C ARG A 8 12.89 1.71 12.71
N LEU A 9 13.21 0.71 11.90
CA LEU A 9 12.15 -0.13 11.33
C LEU A 9 11.40 -0.90 12.40
N MET A 10 12.11 -1.37 13.43
CA MET A 10 11.43 -2.04 14.53
C MET A 10 10.50 -1.09 15.25
N ALA A 11 10.95 0.14 15.46
CA ALA A 11 10.12 1.13 16.14
C ALA A 11 8.90 1.46 15.31
N GLU A 12 9.08 1.68 14.00
CA GLU A 12 7.94 1.98 13.13
C GLU A 12 6.97 0.81 13.08
N TYR A 13 7.46 -0.42 13.04
CA TYR A 13 6.55 -1.56 13.03
C TYR A 13 5.71 -1.62 14.29
N LYS A 14 6.36 -1.46 15.44
CA LYS A 14 5.64 -1.48 16.71
C LYS A 14 4.57 -0.39 16.73
N GLN A 15 4.91 0.81 16.25
CA GLN A 15 3.95 1.90 16.26
C GLN A 15 2.79 1.63 15.32
N LEU A 16 3.06 1.07 14.14
CA LEU A 16 1.99 0.73 13.19
C LEU A 16 1.09 -0.35 13.76
N THR A 17 1.66 -1.28 14.50
CA THR A 17 0.87 -2.37 15.07
C THR A 17 0.01 -1.86 16.22
N LEU A 18 0.57 -1.02 17.07
CA LEU A 18 -0.17 -0.42 18.18
C LEU A 18 -1.20 0.60 17.71
N ASN A 19 -0.94 1.28 16.60
CA ASN A 19 -1.82 2.32 16.08
C ASN A 19 -2.07 2.08 14.60
N PRO A 20 -2.80 1.02 14.26
CA PRO A 20 -2.99 0.64 12.85
C PRO A 20 -3.77 1.69 12.10
N PRO A 21 -3.33 2.07 10.90
CA PRO A 21 -4.17 2.94 10.07
C PRO A 21 -5.37 2.16 9.56
N GLU A 22 -6.46 2.88 9.30
CA GLU A 22 -7.65 2.20 8.83
C GLU A 22 -7.36 1.50 7.51
N GLY A 23 -7.75 0.24 7.42
CA GLY A 23 -7.64 -0.50 6.19
C GLY A 23 -6.23 -0.75 5.71
N ILE A 24 -5.23 -0.73 6.60
CA ILE A 24 -3.83 -0.99 6.24
C ILE A 24 -3.27 -2.02 7.22
N VAL A 25 -2.73 -3.12 6.68
CA VAL A 25 -2.00 -4.10 7.49
C VAL A 25 -0.57 -4.16 6.98
N ALA A 26 0.39 -3.75 7.81
CA ALA A 26 1.75 -3.60 7.31
C ALA A 26 2.78 -4.07 8.32
N GLY A 27 3.85 -4.65 7.81
CA GLY A 27 4.96 -5.03 8.64
C GLY A 27 5.95 -5.81 7.83
N PRO A 28 7.07 -6.21 8.45
CA PRO A 28 8.03 -7.04 7.76
C PRO A 28 7.41 -8.36 7.37
N MET A 29 7.85 -8.90 6.24
CA MET A 29 7.32 -10.21 5.87
C MET A 29 7.80 -11.29 6.82
N ASN A 30 9.02 -11.14 7.32
CA ASN A 30 9.62 -11.99 8.33
C ASN A 30 10.57 -11.15 9.18
N GLU A 31 10.47 -11.27 10.51
CA GLU A 31 11.25 -10.38 11.37
C GLU A 31 12.76 -10.67 11.34
N GLU A 32 13.17 -11.77 10.69
CA GLU A 32 14.58 -11.99 10.46
C GLU A 32 15.12 -11.08 9.36
N ASN A 33 14.26 -10.34 8.66
CA ASN A 33 14.74 -9.35 7.69
C ASN A 33 13.78 -8.17 7.66
N PHE A 34 14.05 -7.17 8.51
CA PHE A 34 13.19 -6.00 8.60
C PHE A 34 13.31 -5.09 7.38
N PHE A 35 14.14 -5.41 6.39
CA PHE A 35 14.31 -4.57 5.20
C PHE A 35 13.33 -4.92 4.09
N GLU A 36 12.46 -5.90 4.29
CA GLU A 36 11.48 -6.26 3.27
C GLU A 36 10.12 -6.39 3.93
N TRP A 37 9.21 -5.50 3.57
CA TRP A 37 7.91 -5.47 4.19
C TRP A 37 6.84 -5.77 3.15
N GLU A 38 5.73 -6.32 3.62
CA GLU A 38 4.49 -6.32 2.85
C GLU A 38 3.46 -5.46 3.55
N ALA A 39 2.78 -4.66 2.76
CA ALA A 39 1.67 -3.86 3.25
C ALA A 39 0.46 -4.21 2.42
N LEU A 40 -0.64 -4.55 3.09
CA LEU A 40 -1.93 -4.67 2.42
C LEU A 40 -2.69 -3.37 2.62
N ILE A 41 -3.16 -2.78 1.54
CA ILE A 41 -3.86 -1.51 1.59
C ILE A 41 -5.27 -1.72 1.02
N MET A 42 -6.28 -1.31 1.77
CA MET A 42 -7.66 -1.46 1.28
C MET A 42 -8.05 -0.16 0.59
N GLY A 43 -8.70 -0.28 -0.56
CA GLY A 43 -9.27 0.89 -1.18
C GLY A 43 -10.34 1.45 -0.27
N PRO A 44 -10.33 2.76 0.01
CA PRO A 44 -11.25 3.29 1.01
C PRO A 44 -12.69 3.25 0.55
N GLU A 45 -13.58 3.03 1.52
CA GLU A 45 -15.00 3.02 1.23
C GLU A 45 -15.40 4.33 0.58
N ASP A 46 -16.36 4.24 -0.36
CA ASP A 46 -16.91 5.38 -1.08
C ASP A 46 -15.89 6.03 -2.02
N THR A 47 -14.94 5.25 -2.52
CA THR A 47 -14.01 5.71 -3.55
C THR A 47 -14.02 4.67 -4.66
N CYS A 48 -13.40 4.98 -5.78
CA CYS A 48 -13.58 4.11 -6.94
C CYS A 48 -12.92 2.73 -6.78
N PHE A 49 -11.91 2.60 -5.93
CA PHE A 49 -11.32 1.29 -5.62
C PHE A 49 -11.80 0.73 -4.28
N GLU A 50 -13.01 1.09 -3.84
CA GLU A 50 -13.46 0.68 -2.52
C GLU A 50 -13.44 -0.84 -2.37
N PHE A 51 -12.87 -1.29 -1.25
CA PHE A 51 -12.81 -2.66 -0.77
C PHE A 51 -11.85 -3.53 -1.56
N GLY A 52 -11.08 -2.94 -2.47
CA GLY A 52 -9.95 -3.65 -3.00
C GLY A 52 -8.93 -3.89 -1.90
N VAL A 53 -8.18 -4.98 -2.03
CA VAL A 53 -7.11 -5.26 -1.10
C VAL A 53 -5.85 -5.41 -1.95
N PHE A 54 -4.95 -4.44 -1.80
CA PHE A 54 -3.82 -4.33 -2.69
C PHE A 54 -2.50 -4.56 -1.95
N PRO A 55 -1.83 -5.67 -2.21
CA PRO A 55 -0.56 -5.97 -1.53
C PRO A 55 0.59 -5.27 -2.23
N ALA A 56 1.48 -4.73 -1.42
CA ALA A 56 2.67 -4.07 -1.93
C ALA A 56 3.87 -4.54 -1.14
N ILE A 57 4.98 -4.68 -1.83
CA ILE A 57 6.28 -4.91 -1.21
C ILE A 57 7.00 -3.58 -1.06
N LEU A 58 7.46 -3.30 0.16
CA LEU A 58 8.33 -2.16 0.43
C LEU A 58 9.73 -2.69 0.73
N SER A 59 10.72 -2.21 -0.02
CA SER A 59 12.11 -2.65 0.09
C SER A 59 12.96 -1.49 0.58
N PHE A 60 13.62 -1.67 1.72
CA PHE A 60 14.27 -0.55 2.39
C PHE A 60 15.78 -0.54 2.16
N PRO A 61 16.34 0.63 1.95
CA PRO A 61 17.79 0.75 1.78
C PRO A 61 18.51 0.63 3.11
N LEU A 62 19.82 0.34 3.00
CA LEU A 62 20.63 0.12 4.18
C LEU A 62 20.66 1.34 5.08
N ASP A 63 20.67 2.53 4.48
CA ASP A 63 20.82 3.79 5.19
C ASP A 63 19.49 4.39 5.61
N TYR A 64 18.41 3.62 5.55
CA TYR A 64 17.15 4.11 6.06
C TYR A 64 17.33 4.63 7.49
N PRO A 65 16.74 5.78 7.87
CA PRO A 65 15.76 6.62 7.14
C PRO A 65 16.34 7.79 6.33
N LEU A 66 17.64 7.75 6.07
CA LEU A 66 18.25 8.78 5.25
C LEU A 66 17.68 8.77 3.84
N SER A 67 17.43 7.57 3.29
CA SER A 67 16.93 7.41 1.94
C SER A 67 15.60 6.64 1.98
N PRO A 68 14.77 6.77 0.96
CA PRO A 68 13.44 6.17 1.00
C PRO A 68 13.46 4.71 0.54
N PRO A 69 12.43 3.95 0.91
CA PRO A 69 12.22 2.63 0.33
C PRO A 69 11.67 2.73 -1.07
N LYS A 70 11.75 1.60 -1.78
CA LYS A 70 11.03 1.36 -3.02
C LYS A 70 9.75 0.57 -2.69
N MET A 71 8.72 0.72 -3.54
CA MET A 71 7.41 0.11 -3.28
C MET A 71 6.82 -0.34 -4.60
N ARG A 72 6.32 -1.58 -4.63
CA ARG A 72 5.71 -2.16 -5.82
C ARG A 72 4.52 -3.03 -5.42
N PHE A 73 3.43 -2.88 -6.15
CA PHE A 73 2.27 -3.72 -5.94
C PHE A 73 2.48 -5.05 -6.62
N THR A 74 2.00 -6.12 -5.98
CA THR A 74 2.08 -7.46 -6.56
C THR A 74 0.75 -7.95 -7.06
N CYS A 75 -0.24 -7.08 -7.14
CA CYS A 75 -1.52 -7.33 -7.78
C CYS A 75 -1.64 -6.45 -9.00
N GLU A 76 -2.61 -6.78 -9.85
CA GLU A 76 -2.86 -5.90 -11.00
C GLU A 76 -3.36 -4.57 -10.50
N MET A 77 -2.95 -3.50 -11.17
CA MET A 77 -3.45 -2.18 -10.83
C MET A 77 -3.76 -1.43 -12.12
N PHE A 78 -4.55 -0.37 -12.01
CA PHE A 78 -4.84 0.52 -13.14
C PHE A 78 -4.94 1.92 -12.55
N HIS A 79 -3.80 2.62 -12.53
CA HIS A 79 -3.74 3.85 -11.80
C HIS A 79 -2.68 4.75 -12.41
N PRO A 80 -2.95 6.06 -12.55
CA PRO A 80 -1.95 6.93 -13.19
C PRO A 80 -0.57 6.88 -12.58
N ASN A 81 -0.47 6.68 -11.28
CA ASN A 81 0.83 6.75 -10.62
C ASN A 81 1.46 5.38 -10.32
N ILE A 82 0.95 4.33 -10.93
CA ILE A 82 1.55 2.99 -10.77
C ILE A 82 1.95 2.48 -12.13
N TYR A 83 3.23 2.16 -12.29
CA TYR A 83 3.70 1.58 -13.52
C TYR A 83 2.96 0.27 -13.84
N PRO A 84 2.90 -0.10 -15.11
CA PRO A 84 2.35 -1.41 -15.47
C PRO A 84 2.96 -2.57 -14.71
N ASP A 85 4.23 -2.49 -14.33
CA ASP A 85 4.84 -3.57 -13.58
C ASP A 85 4.58 -3.49 -12.07
N GLY A 86 3.82 -2.51 -11.62
CA GLY A 86 3.45 -2.40 -10.21
C GLY A 86 4.25 -1.40 -9.41
N ARG A 87 5.38 -0.89 -9.92
CA ARG A 87 6.15 0.08 -9.18
CA ARG A 87 6.16 0.07 -9.18
C ARG A 87 5.34 1.34 -8.94
N VAL A 88 5.46 1.86 -7.74
CA VAL A 88 4.73 3.04 -7.34
C VAL A 88 5.56 4.28 -7.58
N CYS A 89 4.94 5.26 -8.23
CA CYS A 89 5.61 6.51 -8.59
C CYS A 89 4.92 7.64 -7.83
N ILE A 90 5.49 8.03 -6.69
CA ILE A 90 4.94 9.07 -5.84
C ILE A 90 6.07 9.93 -5.28
N SER A 91 5.76 11.20 -5.00
CA SER A 91 6.84 12.14 -4.65
C SER A 91 7.49 11.77 -3.32
N ILE A 92 6.71 11.24 -2.36
CA ILE A 92 7.24 10.91 -1.05
C ILE A 92 8.37 9.89 -1.16
N LEU A 93 8.41 9.08 -2.22
CA LEU A 93 9.45 8.06 -2.39
C LEU A 93 10.60 8.53 -3.28
N HIS A 94 10.60 9.79 -3.68
CA HIS A 94 11.73 10.33 -4.42
C HIS A 94 12.64 11.11 -3.49
N ALA A 95 13.94 10.89 -3.66
CA ALA A 95 14.94 11.56 -2.82
C ALA A 95 14.91 13.06 -3.06
N PRO A 96 15.22 13.88 -2.03
CA PRO A 96 15.06 15.34 -2.12
C PRO A 96 15.76 15.98 -3.31
N ALA A 107 6.65 19.13 -4.97
CA ALA A 107 5.87 18.39 -3.99
C ALA A 107 6.77 17.86 -2.84
N GLU A 108 6.15 17.21 -1.85
CA GLU A 108 6.85 16.80 -0.64
C GLU A 108 7.55 15.47 -0.88
N ARG A 109 8.86 15.47 -0.73
CA ARG A 109 9.68 14.34 -1.11
C ARG A 109 10.25 13.72 0.16
N TRP A 110 11.07 12.69 0.00
CA TRP A 110 11.57 12.01 1.19
C TRP A 110 12.38 12.98 2.03
N SER A 111 12.18 12.94 3.34
CA SER A 111 12.85 13.84 4.27
C SER A 111 12.80 13.24 5.68
N PRO A 112 13.36 13.91 6.71
CA PRO A 112 13.30 13.32 8.06
C PRO A 112 11.91 13.27 8.65
N VAL A 113 10.97 14.05 8.14
CA VAL A 113 9.60 14.00 8.63
C VAL A 113 8.91 12.71 8.22
N GLN A 114 9.37 12.06 7.15
CA GLN A 114 8.58 11.00 6.55
C GLN A 114 8.75 9.67 7.29
N SER A 115 7.87 8.73 6.96
CA SER A 115 7.81 7.47 7.68
C SER A 115 7.03 6.48 6.84
N VAL A 116 7.08 5.21 7.26
CA VAL A 116 6.29 4.20 6.57
C VAL A 116 4.82 4.56 6.62
N GLU A 117 4.34 4.96 7.80
CA GLU A 117 2.93 5.32 7.93
C GLU A 117 2.55 6.40 6.95
N LYS A 118 3.41 7.41 6.77
CA LYS A 118 3.08 8.46 5.82
C LYS A 118 3.16 7.98 4.38
N ILE A 119 4.07 7.04 4.06
CA ILE A 119 4.08 6.44 2.72
C ILE A 119 2.73 5.80 2.45
N LEU A 120 2.28 4.98 3.39
CA LEU A 120 1.10 4.17 3.14
C LEU A 120 -0.14 5.04 3.06
N LEU A 121 -0.22 6.04 3.93
CA LEU A 121 -1.31 6.98 3.85
C LEU A 121 -1.29 7.77 2.55
N SER A 122 -0.10 8.06 2.02
CA SER A 122 -0.07 8.80 0.76
C SER A 122 -0.58 7.95 -0.38
N VAL A 123 -0.30 6.65 -0.32
CA VAL A 123 -0.78 5.73 -1.35
C VAL A 123 -2.28 5.57 -1.24
N VAL A 124 -2.81 5.50 -0.02
CA VAL A 124 -4.25 5.42 0.15
C VAL A 124 -4.92 6.65 -0.44
N SER A 125 -4.32 7.81 -0.18
CA SER A 125 -4.87 9.05 -0.70
CA SER A 125 -4.87 9.05 -0.70
C SER A 125 -4.86 9.07 -2.23
N MET A 126 -3.78 8.59 -2.84
CA MET A 126 -3.69 8.60 -4.29
C MET A 126 -4.69 7.64 -4.92
N LEU A 127 -5.00 6.52 -4.25
CA LEU A 127 -6.11 5.68 -4.67
C LEU A 127 -7.43 6.42 -4.59
N ALA A 128 -7.74 6.97 -3.41
CA ALA A 128 -8.96 7.76 -3.21
C ALA A 128 -9.11 8.85 -4.28
N GLU A 129 -8.04 9.61 -4.50
CA GLU A 129 -8.07 10.69 -5.48
C GLU A 129 -6.89 10.60 -6.44
N PRO A 130 -7.06 9.86 -7.51
CA PRO A 130 -6.00 9.70 -8.49
C PRO A 130 -5.55 11.03 -8.96
N ASN A 131 -4.27 11.33 -9.04
CA ASN A 131 -3.85 12.69 -9.42
C ASN A 131 -3.10 12.76 -10.77
N ASP A 132 -2.65 13.94 -11.23
CA ASP A 132 -2.06 13.92 -12.58
C ASP A 132 -0.84 14.76 -12.92
N GLU A 133 0.22 14.46 -12.22
CA GLU A 133 1.50 15.00 -12.51
C GLU A 133 2.31 13.90 -13.18
N SER A 134 2.46 12.78 -12.51
CA SER A 134 3.16 11.66 -13.04
C SER A 134 2.26 10.95 -14.02
N GLY A 135 2.87 10.25 -14.94
CA GLY A 135 2.20 9.48 -15.93
C GLY A 135 2.91 8.16 -15.96
N ALA A 136 2.92 7.44 -14.86
CA ALA A 136 3.52 6.12 -14.88
C ALA A 136 2.65 5.15 -15.65
N ASN A 137 1.34 5.38 -15.68
CA ASN A 137 0.45 4.62 -16.54
C ASN A 137 -0.31 5.64 -17.37
N VAL A 138 0.14 5.84 -18.62
CA VAL A 138 -0.45 6.91 -19.41
C VAL A 138 -1.87 6.56 -19.80
N ASP A 139 -2.16 5.28 -20.05
CA ASP A 139 -3.53 4.90 -20.34
C ASP A 139 -4.44 5.24 -19.18
N ALA A 140 -4.01 4.94 -17.95
CA ALA A 140 -4.85 5.28 -16.82
C ALA A 140 -4.93 6.79 -16.63
N SER A 141 -3.83 7.50 -16.89
CA SER A 141 -3.87 8.96 -16.76
C SER A 141 -4.91 9.54 -17.71
N LYS A 142 -4.88 9.09 -18.95
CA LYS A 142 -5.79 9.61 -19.97
C LYS A 142 -7.23 9.23 -19.68
N MET A 143 -7.49 8.00 -19.23
CA MET A 143 -8.87 7.62 -18.94
C MET A 143 -9.39 8.36 -17.72
N TRP A 144 -8.53 8.60 -16.73
CA TRP A 144 -8.96 9.36 -15.56
C TRP A 144 -9.36 10.77 -15.98
N ARG A 145 -8.56 11.36 -16.85
CA ARG A 145 -8.77 12.73 -17.29
C ARG A 145 -10.05 12.83 -18.12
N ASP A 146 -10.23 11.93 -19.08
CA ASP A 146 -11.20 12.15 -20.14
C ASP A 146 -12.37 11.19 -20.16
N ASP A 147 -12.29 10.05 -19.47
CA ASP A 147 -13.38 9.07 -19.51
C ASP A 147 -13.50 8.43 -18.13
N ARG A 148 -13.83 9.29 -17.16
CA ARG A 148 -13.90 8.90 -15.75
C ARG A 148 -14.88 7.76 -15.52
N GLU A 149 -16.04 7.76 -16.18
CA GLU A 149 -17.01 6.68 -16.00
CA GLU A 149 -16.97 6.67 -15.94
C GLU A 149 -16.39 5.35 -16.42
N GLN A 150 -15.61 5.34 -17.49
CA GLN A 150 -14.92 4.14 -17.91
C GLN A 150 -13.78 3.80 -16.95
N PHE A 151 -13.12 4.82 -16.39
CA PHE A 151 -12.10 4.53 -15.38
C PHE A 151 -12.73 3.79 -14.20
N TYR A 152 -13.89 4.25 -13.74
CA TYR A 152 -14.53 3.65 -12.58
C TYR A 152 -14.90 2.20 -12.86
N LYS A 153 -15.28 1.88 -14.09
CA LYS A 153 -15.59 0.50 -14.44
C LYS A 153 -14.35 -0.38 -14.35
N ILE A 154 -13.20 0.12 -14.80
CA ILE A 154 -11.97 -0.69 -14.72
C ILE A 154 -11.51 -0.80 -13.27
N ALA A 155 -11.66 0.27 -12.49
CA ALA A 155 -11.31 0.22 -11.07
C ALA A 155 -12.06 -0.89 -10.37
N LYS A 156 -13.37 -1.02 -10.63
CA LYS A 156 -14.12 -2.08 -9.97
C LYS A 156 -13.60 -3.45 -10.40
N GLN A 157 -13.19 -3.59 -11.66
CA GLN A 157 -12.59 -4.85 -12.08
CA GLN A 157 -12.58 -4.84 -12.09
C GLN A 157 -11.30 -5.10 -11.32
N ILE A 158 -10.49 -4.06 -11.12
CA ILE A 158 -9.23 -4.22 -10.38
C ILE A 158 -9.52 -4.66 -8.96
N VAL A 159 -10.58 -4.12 -8.38
CA VAL A 159 -11.01 -4.50 -7.04
C VAL A 159 -11.38 -5.97 -7.03
N GLN A 160 -12.26 -6.39 -7.93
CA GLN A 160 -12.66 -7.80 -8.00
C GLN A 160 -11.45 -8.71 -8.13
N LYS A 161 -10.53 -8.39 -9.04
CA LYS A 161 -9.35 -9.20 -9.21
C LYS A 161 -8.54 -9.26 -7.93
N SER A 162 -8.43 -8.15 -7.20
CA SER A 162 -7.63 -8.13 -5.97
C SER A 162 -8.21 -9.06 -4.93
N LEU A 163 -9.53 -9.23 -4.94
CA LEU A 163 -10.23 -10.14 -4.05
C LEU A 163 -10.34 -11.56 -4.59
N GLY A 164 -9.88 -11.81 -5.81
CA GLY A 164 -9.97 -13.15 -6.36
C GLY A 164 -11.35 -13.50 -6.88
N LEU A 165 -12.26 -12.54 -6.93
CA LEU A 165 -13.66 -12.75 -7.25
C LEU A 165 -13.98 -12.54 -8.72
N GLY B 1 3.60 -10.47 21.39
CA GLY B 1 4.54 -10.99 22.38
C GLY B 1 5.92 -11.32 21.83
N PRO B 2 6.14 -12.56 21.38
CA PRO B 2 7.38 -12.89 20.67
C PRO B 2 7.28 -12.55 19.19
N SER B 3 8.38 -12.80 18.50
CA SER B 3 8.40 -12.66 17.04
C SER B 3 7.33 -13.53 16.39
N TRP B 4 7.26 -14.81 16.78
CA TRP B 4 6.39 -15.73 16.05
C TRP B 4 4.93 -15.36 16.23
N ALA B 5 4.55 -14.91 17.43
CA ALA B 5 3.17 -14.48 17.65
C ALA B 5 2.86 -13.19 16.90
N ARG B 6 3.82 -12.26 16.85
CA ARG B 6 3.61 -11.09 16.00
C ARG B 6 3.42 -11.50 14.55
N GLN B 7 4.20 -12.48 14.08
CA GLN B 7 4.08 -12.89 12.70
CA GLN B 7 4.08 -12.92 12.69
C GLN B 7 2.73 -13.57 12.45
N GLU B 8 2.29 -14.44 13.37
CA GLU B 8 1.01 -15.11 13.18
CA GLU B 8 1.00 -15.10 13.18
C GLU B 8 -0.13 -14.10 13.26
N SER B 9 -0.04 -13.14 14.20
CA SER B 9 -1.02 -12.08 14.29
CA SER B 9 -1.04 -12.10 14.27
C SER B 9 -1.07 -11.25 13.01
N LEU B 10 0.09 -10.95 12.42
CA LEU B 10 0.11 -10.16 11.19
C LEU B 10 -0.60 -10.91 10.08
N GLN B 11 -0.26 -12.19 9.93
CA GLN B 11 -0.88 -12.99 8.89
CA GLN B 11 -0.86 -13.04 8.92
C GLN B 11 -2.36 -13.16 9.14
N GLU B 12 -2.78 -13.25 10.41
CA GLU B 12 -4.20 -13.31 10.72
C GLU B 12 -4.91 -12.01 10.38
N ARG B 13 -4.26 -10.89 10.63
CA ARG B 13 -4.86 -9.62 10.30
C ARG B 13 -4.96 -9.43 8.80
N LYS B 14 -4.02 -9.97 8.03
CA LYS B 14 -4.15 -9.92 6.58
C LYS B 14 -5.33 -10.76 6.12
N GLN B 15 -5.46 -11.97 6.65
CA GLN B 15 -6.60 -12.82 6.30
C GLN B 15 -7.90 -12.13 6.65
N ALA B 16 -7.94 -11.46 7.80
CA ALA B 16 -9.15 -10.80 8.28
C ALA B 16 -9.52 -9.61 7.41
N LEU B 17 -8.53 -8.90 6.88
CA LEU B 17 -8.83 -7.78 6.00
C LEU B 17 -9.45 -8.27 4.69
N TYR B 18 -8.95 -9.39 4.14
CA TYR B 18 -9.57 -9.96 2.95
C TYR B 18 -10.99 -10.39 3.24
N GLU B 19 -11.20 -11.03 4.38
CA GLU B 19 -12.55 -11.50 4.69
C GLU B 19 -13.49 -10.32 4.88
N TYR B 20 -13.02 -9.27 5.54
CA TYR B 20 -13.82 -8.07 5.71
C TYR B 20 -14.15 -7.44 4.37
N ALA B 21 -13.12 -7.26 3.51
CA ALA B 21 -13.38 -6.60 2.24
C ALA B 21 -14.30 -7.41 1.35
N ARG B 22 -14.17 -8.74 1.33
CA ARG B 22 -15.03 -9.52 0.47
C ARG B 22 -16.48 -9.39 0.90
N ARG B 23 -16.72 -9.36 2.21
CA ARG B 23 -18.09 -9.17 2.67
C ARG B 23 -18.62 -7.81 2.23
N ARG B 24 -17.83 -6.74 2.42
CA ARG B 24 -18.30 -5.40 2.05
C ARG B 24 -18.51 -5.30 0.54
N PHE B 25 -17.62 -5.91 -0.23
CA PHE B 25 -17.72 -5.80 -1.68
C PHE B 25 -18.95 -6.53 -2.21
N THR B 26 -19.39 -7.57 -1.52
CA THR B 26 -20.52 -8.36 -2.03
C THR B 26 -21.84 -8.07 -1.33
N GLU B 27 -21.90 -7.09 -0.43
CA GLU B 27 -23.09 -6.90 0.39
C GLU B 27 -24.15 -6.02 -0.29
N ARG B 28 -25.30 -5.89 0.41
CA ARG B 28 -26.52 -5.19 -0.02
C ARG B 28 -27.24 -6.05 -1.04
#